data_5TV6
#
_entry.id   5TV6
#
_cell.length_a   68.486
_cell.length_b   103.194
_cell.length_c   113.805
_cell.angle_alpha   90.00
_cell.angle_beta   90.00
_cell.angle_gamma   90.00
#
_symmetry.space_group_name_H-M   'P 21 21 21'
#
loop_
_entity.id
_entity.type
_entity.pdbx_description
1 polymer '6-carboxyhexanoate--CoA ligase'
2 non-polymer 'PIMELIC ACID'
3 water water
#
_entity_poly.entity_id   1
_entity_poly.type   'polypeptide(L)'
_entity_poly.pdbx_seq_one_letter_code
;(MSE)DLFSVR(MSE)RAQKNGKHVSGAERIVKKEELETAVKELLNRPKEFDF(MSE)NVKVEKVKDFEVVKFNLKISTY
SFKSPEEAREFAVKKLTQEGIKEEVAKKAVEILSKGANPKGGN(MSE)RGAVL(MSE)DIETGERLEEDKERGVRTIHFD
WKDRKKVTEKLLKEGYTLRTVDALALTFKNLFCGVVAELCWSDDPDYVTGYVSGKEIGYVRITPLKEKGDPLGGRVYFVS
RKELSEIIECLTQKVVLIEL
;
_entity_poly.pdbx_strand_id   A,B
#
loop_
_chem_comp.id
_chem_comp.type
_chem_comp.name
_chem_comp.formula
PML non-polymer 'PIMELIC ACID' 'C7 H12 O4'
#
# COMPACT_ATOMS: atom_id res chain seq x y z
N ASP A 2 19.42 -27.89 -19.91
CA ASP A 2 18.76 -29.07 -19.38
C ASP A 2 17.86 -28.74 -18.18
N LEU A 3 16.60 -28.42 -18.43
CA LEU A 3 15.67 -28.06 -17.36
C LEU A 3 14.62 -29.13 -17.18
N PHE A 4 14.06 -29.16 -15.96
CA PHE A 4 13.01 -30.11 -15.59
C PHE A 4 11.83 -29.38 -14.96
N SER A 5 10.64 -29.69 -15.45
CA SER A 5 9.40 -29.21 -14.85
C SER A 5 8.96 -30.19 -13.76
N VAL A 6 8.72 -29.67 -12.56
CA VAL A 6 8.26 -30.44 -11.41
C VAL A 6 6.87 -29.94 -11.03
N ARG A 7 5.86 -30.81 -11.18
CA ARG A 7 4.47 -30.44 -10.92
C ARG A 7 3.87 -31.34 -9.86
N MSE A 8 3.47 -30.73 -8.75
CA MSE A 8 2.94 -31.43 -7.60
C MSE A 8 1.48 -31.06 -7.39
O MSE A 8 1.11 -29.90 -7.51
CB MSE A 8 3.77 -31.09 -6.36
CG MSE A 8 3.31 -31.74 -5.05
SE MSE A 8 1.70 -30.91 -4.20
CE MSE A 8 2.58 -29.32 -3.44
N ARG A 9 0.65 -32.06 -7.08
CA ARG A 9 -0.71 -31.83 -6.61
C ARG A 9 -1.00 -32.79 -5.45
N ALA A 10 -1.80 -32.34 -4.49
CA ALA A 10 -2.09 -33.13 -3.30
C ALA A 10 -3.56 -32.99 -2.93
N GLN A 11 -4.08 -34.00 -2.26
CA GLN A 11 -5.48 -34.03 -1.86
C GLN A 11 -5.61 -34.50 -0.43
N LYS A 12 -6.73 -34.16 0.19
CA LYS A 12 -7.18 -34.81 1.41
C LYS A 12 -8.67 -35.08 1.27
N ASN A 13 -9.07 -36.32 1.52
CA ASN A 13 -10.46 -36.77 1.38
C ASN A 13 -11.03 -36.35 0.03
N GLY A 14 -10.29 -36.69 -1.04
CA GLY A 14 -10.73 -36.40 -2.38
C GLY A 14 -10.71 -34.95 -2.80
N LYS A 15 -10.44 -34.01 -1.88
CA LYS A 15 -10.46 -32.59 -2.23
C LYS A 15 -9.04 -32.03 -2.34
N HIS A 16 -8.83 -31.23 -3.40
CA HIS A 16 -7.55 -30.61 -3.65
C HIS A 16 -7.15 -29.71 -2.49
N VAL A 17 -5.92 -29.88 -2.00
CA VAL A 17 -5.42 -29.11 -0.87
C VAL A 17 -4.17 -28.31 -1.19
N SER A 18 -3.52 -28.52 -2.34
CA SER A 18 -2.21 -27.94 -2.58
C SER A 18 -1.66 -28.31 -3.96
N GLY A 19 -0.79 -27.47 -4.50
CA GLY A 19 -0.30 -27.62 -5.87
C GLY A 19 0.82 -26.63 -6.11
N ALA A 20 1.79 -26.97 -6.97
CA ALA A 20 2.90 -26.07 -7.24
C ALA A 20 3.68 -26.58 -8.44
N GLU A 21 4.29 -25.67 -9.17
CA GLU A 21 5.23 -26.01 -10.21
C GLU A 21 6.56 -25.31 -9.95
N ARG A 22 7.65 -26.03 -10.22
CA ARG A 22 9.00 -25.46 -10.21
C ARG A 22 9.68 -25.93 -11.47
N ILE A 23 10.50 -25.07 -12.08
CA ILE A 23 11.26 -25.40 -13.28
C ILE A 23 12.72 -25.14 -12.96
N VAL A 24 13.53 -26.22 -12.93
CA VAL A 24 14.87 -26.13 -12.34
C VAL A 24 15.83 -27.06 -13.09
N LYS A 25 17.13 -26.78 -12.92
CA LYS A 25 18.22 -27.61 -13.45
C LYS A 25 18.26 -28.94 -12.71
N LYS A 26 18.86 -29.96 -13.33
CA LYS A 26 18.93 -31.26 -12.66
C LYS A 26 19.58 -31.13 -11.30
N GLU A 27 20.56 -30.23 -11.16
CA GLU A 27 21.24 -30.05 -9.89
C GLU A 27 20.33 -29.48 -8.81
N GLU A 28 19.22 -28.86 -9.17
CA GLU A 28 18.26 -28.36 -8.20
C GLU A 28 17.02 -29.24 -8.10
N LEU A 29 16.99 -30.35 -8.84
CA LEU A 29 15.80 -31.17 -8.94
C LEU A 29 15.38 -31.70 -7.57
N GLU A 30 16.33 -32.25 -6.82
CA GLU A 30 16.00 -32.75 -5.48
C GLU A 30 15.48 -31.63 -4.58
N THR A 31 16.13 -30.46 -4.62
CA THR A 31 15.69 -29.32 -3.81
C THR A 31 14.23 -28.96 -4.10
N ALA A 32 13.89 -28.87 -5.39
CA ALA A 32 12.50 -28.58 -5.72
C ALA A 32 11.55 -29.69 -5.28
N VAL A 33 11.93 -30.95 -5.49
CA VAL A 33 11.06 -32.05 -5.07
C VAL A 33 10.90 -32.05 -3.55
N LYS A 34 11.98 -31.77 -2.82
CA LYS A 34 11.85 -31.68 -1.37
C LYS A 34 10.91 -30.54 -0.96
N GLU A 35 11.01 -29.39 -1.64
CA GLU A 35 10.13 -28.27 -1.29
C GLU A 35 8.67 -28.63 -1.51
N LEU A 36 8.34 -29.25 -2.65
CA LEU A 36 6.94 -29.51 -2.93
C LEU A 36 6.41 -30.68 -2.11
N LEU A 37 7.25 -31.67 -1.80
CA LEU A 37 6.81 -32.75 -0.91
C LEU A 37 6.37 -32.19 0.43
N ASN A 38 7.11 -31.24 1.00
CA ASN A 38 6.79 -30.71 2.31
C ASN A 38 5.79 -29.57 2.29
N ARG A 39 5.36 -29.11 1.11
CA ARG A 39 4.47 -27.96 1.05
C ARG A 39 3.13 -28.17 1.78
N PRO A 40 2.36 -29.22 1.50
CA PRO A 40 1.04 -29.31 2.16
C PRO A 40 1.19 -29.63 3.63
N LYS A 41 0.28 -29.06 4.42
CA LYS A 41 0.24 -29.37 5.85
C LYS A 41 -0.06 -30.83 6.08
N GLU A 42 -1.02 -31.38 5.34
CA GLU A 42 -1.52 -32.73 5.50
C GLU A 42 -2.10 -33.16 4.16
N PHE A 43 -1.99 -34.45 3.86
CA PHE A 43 -2.58 -34.93 2.61
C PHE A 43 -2.76 -36.44 2.70
N ASP A 44 -3.72 -36.92 1.91
CA ASP A 44 -4.01 -38.34 1.68
C ASP A 44 -3.19 -38.90 0.55
N PHE A 45 -2.96 -38.07 -0.45
CA PHE A 45 -2.51 -38.52 -1.75
C PHE A 45 -1.75 -37.37 -2.37
N MSE A 46 -0.67 -37.70 -3.05
CA MSE A 46 0.10 -36.69 -3.73
C MSE A 46 0.65 -37.29 -5.00
O MSE A 46 1.10 -38.45 -5.00
CB MSE A 46 1.22 -36.18 -2.83
CG MSE A 46 2.08 -35.08 -3.50
SE MSE A 46 3.73 -34.65 -2.49
CE MSE A 46 2.98 -33.72 -0.95
N ASN A 47 0.62 -36.51 -6.08
CA ASN A 47 1.32 -36.88 -7.31
C ASN A 47 2.36 -35.83 -7.66
N VAL A 48 3.58 -36.28 -7.96
CA VAL A 48 4.67 -35.43 -8.43
C VAL A 48 5.06 -35.90 -9.83
N LYS A 49 5.02 -34.99 -10.78
CA LYS A 49 5.27 -35.28 -12.19
C LYS A 49 6.49 -34.48 -12.60
N VAL A 50 7.60 -35.17 -12.90
CA VAL A 50 8.83 -34.53 -13.35
C VAL A 50 8.98 -34.77 -14.84
N GLU A 51 9.18 -33.71 -15.60
CA GLU A 51 9.25 -33.79 -17.05
C GLU A 51 10.38 -32.90 -17.55
N LYS A 52 11.19 -33.44 -18.45
CA LYS A 52 12.30 -32.68 -18.99
C LYS A 52 11.78 -31.66 -20.00
N VAL A 53 12.33 -30.46 -19.93
CA VAL A 53 11.86 -29.37 -20.80
C VAL A 53 12.56 -29.47 -22.15
N LYS A 54 11.78 -29.40 -23.22
CA LYS A 54 12.34 -29.29 -24.58
C LYS A 54 12.71 -27.85 -24.87
N ASP A 55 11.72 -27.07 -25.32
CA ASP A 55 11.85 -25.65 -25.60
C ASP A 55 11.46 -24.83 -24.38
N PHE A 56 12.07 -23.65 -24.25
CA PHE A 56 11.64 -22.68 -23.26
C PHE A 56 12.20 -21.30 -23.63
N GLU A 57 11.59 -20.26 -23.06
CA GLU A 57 12.04 -18.88 -23.26
C GLU A 57 12.20 -18.16 -21.92
N VAL A 58 13.26 -17.34 -21.81
CA VAL A 58 13.41 -16.42 -20.69
C VAL A 58 12.78 -15.08 -21.06
N VAL A 59 12.09 -14.45 -20.10
CA VAL A 59 11.55 -13.11 -20.24
C VAL A 59 11.93 -12.32 -19.00
N LYS A 60 12.24 -11.04 -19.17
CA LYS A 60 12.55 -10.18 -18.04
C LYS A 60 11.27 -9.53 -17.52
N PHE A 61 11.15 -9.53 -16.20
CA PHE A 61 9.96 -9.01 -15.54
C PHE A 61 9.96 -7.48 -15.60
N ASN A 62 8.87 -6.90 -16.10
CA ASN A 62 8.81 -5.45 -16.33
C ASN A 62 7.51 -4.81 -15.85
N LEU A 63 6.77 -5.46 -14.96
CA LEU A 63 5.56 -4.87 -14.40
C LEU A 63 5.89 -4.05 -13.15
N LYS A 64 5.17 -2.94 -12.98
CA LYS A 64 5.28 -2.13 -11.77
C LYS A 64 4.17 -2.50 -10.81
N ILE A 65 4.53 -2.67 -9.55
CA ILE A 65 3.65 -3.11 -8.50
C ILE A 65 3.13 -1.90 -7.74
N SER A 66 1.82 -1.84 -7.51
CA SER A 66 1.26 -0.90 -6.54
C SER A 66 0.25 -1.61 -5.67
N THR A 67 -0.13 -0.96 -4.57
CA THR A 67 -1.06 -1.54 -3.60
C THR A 67 -2.06 -0.50 -3.15
N TYR A 68 -3.33 -0.87 -3.10
CA TYR A 68 -4.40 0.02 -2.67
C TYR A 68 -5.27 -0.70 -1.63
N SER A 69 -5.74 0.04 -0.62
CA SER A 69 -6.59 -0.48 0.45
C SER A 69 -7.84 0.37 0.61
N PHE A 70 -8.99 -0.28 0.78
CA PHE A 70 -10.28 0.38 0.81
C PHE A 70 -11.06 -0.12 2.02
N LYS A 71 -12.17 0.55 2.33
CA LYS A 71 -12.91 0.17 3.53
C LYS A 71 -13.84 -1.01 3.33
N SER A 72 -14.13 -1.37 2.08
CA SER A 72 -15.20 -2.33 1.82
C SER A 72 -14.90 -3.08 0.55
N PRO A 73 -15.37 -4.32 0.43
CA PRO A 73 -15.28 -5.02 -0.87
C PRO A 73 -15.88 -4.22 -2.00
N GLU A 74 -17.00 -3.52 -1.74
CA GLU A 74 -17.65 -2.73 -2.80
C GLU A 74 -16.73 -1.64 -3.30
N GLU A 75 -16.16 -0.85 -2.37
CA GLU A 75 -15.16 0.14 -2.74
C GLU A 75 -14.02 -0.50 -3.53
N ALA A 76 -13.52 -1.63 -3.04
CA ALA A 76 -12.39 -2.28 -3.68
C ALA A 76 -12.74 -2.78 -5.08
N ARG A 77 -13.91 -3.40 -5.22
CA ARG A 77 -14.29 -3.95 -6.53
C ARG A 77 -14.57 -2.84 -7.52
N GLU A 78 -15.15 -1.73 -7.07
CA GLU A 78 -15.35 -0.59 -7.96
C GLU A 78 -14.02 -0.04 -8.45
N PHE A 79 -13.02 -0.02 -7.56
CA PHE A 79 -11.71 0.46 -7.97
C PHE A 79 -11.06 -0.51 -8.95
N ALA A 80 -11.28 -1.82 -8.78
CA ALA A 80 -10.76 -2.77 -9.76
C ALA A 80 -11.36 -2.51 -11.14
N VAL A 81 -12.68 -2.30 -11.20
CA VAL A 81 -13.35 -1.98 -12.46
C VAL A 81 -12.72 -0.74 -13.10
N LYS A 82 -12.53 0.32 -12.31
CA LYS A 82 -11.90 1.53 -12.82
C LYS A 82 -10.52 1.26 -13.45
N LYS A 83 -9.70 0.43 -12.79
CA LYS A 83 -8.34 0.22 -13.29
C LYS A 83 -8.30 -0.72 -14.50
N LEU A 84 -9.24 -1.66 -14.58
CA LEU A 84 -9.42 -2.42 -15.82
C LEU A 84 -9.74 -1.48 -16.98
N THR A 85 -10.71 -0.59 -16.76
CA THR A 85 -11.09 0.45 -17.71
C THR A 85 -9.86 1.13 -18.32
N GLN A 86 -8.81 1.33 -17.53
CA GLN A 86 -7.62 1.98 -18.08
C GLN A 86 -6.81 1.05 -18.97
N GLU A 87 -7.17 -0.24 -19.06
CA GLU A 87 -6.55 -1.17 -19.99
C GLU A 87 -7.36 -1.34 -21.26
N GLY A 88 -8.24 -0.39 -21.57
CA GLY A 88 -9.12 -0.51 -22.70
C GLY A 88 -10.35 -1.35 -22.50
N ILE A 89 -10.39 -2.21 -21.49
CA ILE A 89 -11.64 -2.90 -21.20
C ILE A 89 -12.68 -1.83 -20.94
N LYS A 90 -13.89 -2.02 -21.46
CA LYS A 90 -14.93 -1.05 -21.17
C LYS A 90 -15.75 -1.53 -19.98
N GLU A 91 -16.14 -0.55 -19.16
CA GLU A 91 -16.68 -0.77 -17.82
C GLU A 91 -17.65 -1.93 -17.73
N GLU A 92 -18.36 -2.27 -18.82
CA GLU A 92 -19.42 -3.27 -18.76
C GLU A 92 -18.87 -4.69 -18.66
N VAL A 93 -17.92 -5.05 -19.53
CA VAL A 93 -17.31 -6.38 -19.45
C VAL A 93 -16.69 -6.59 -18.07
N ALA A 94 -15.83 -5.65 -17.66
CA ALA A 94 -15.12 -5.73 -16.39
C ALA A 94 -16.06 -5.97 -15.23
N LYS A 95 -17.21 -5.29 -15.20
CA LYS A 95 -18.08 -5.50 -14.05
C LYS A 95 -18.78 -6.83 -14.13
N LYS A 96 -18.81 -7.49 -15.30
CA LYS A 96 -19.38 -8.83 -15.34
C LYS A 96 -18.43 -9.84 -14.71
N ALA A 97 -17.13 -9.68 -15.01
CA ALA A 97 -16.10 -10.50 -14.36
C ALA A 97 -16.26 -10.49 -12.84
N VAL A 98 -16.54 -9.31 -12.27
CA VAL A 98 -16.58 -9.18 -10.81
C VAL A 98 -17.68 -10.06 -10.21
N GLU A 99 -18.92 -9.97 -10.72
CA GLU A 99 -20.02 -10.75 -10.13
C GLU A 99 -19.82 -12.23 -10.36
N ILE A 100 -19.29 -12.62 -11.53
CA ILE A 100 -18.98 -14.04 -11.76
C ILE A 100 -18.19 -14.61 -10.59
N LEU A 101 -17.04 -14.00 -10.27
CA LEU A 101 -16.26 -14.48 -9.13
C LEU A 101 -16.99 -14.23 -7.82
N SER A 102 -17.81 -13.18 -7.76
CA SER A 102 -18.55 -12.90 -6.54
C SER A 102 -19.71 -13.88 -6.34
N LYS A 103 -20.52 -14.10 -7.38
CA LYS A 103 -21.67 -14.99 -7.27
C LYS A 103 -21.26 -16.46 -7.26
N GLY A 104 -20.07 -16.79 -7.77
CA GLY A 104 -19.63 -18.17 -7.91
C GLY A 104 -19.22 -18.50 -9.34
N ALA A 105 -17.92 -18.68 -9.57
CA ALA A 105 -17.41 -18.76 -10.94
C ALA A 105 -17.86 -20.04 -11.62
N ASN A 106 -17.91 -21.15 -10.90
CA ASN A 106 -18.33 -22.41 -11.50
C ASN A 106 -19.84 -22.42 -11.72
N PRO A 107 -20.31 -22.71 -12.93
CA PRO A 107 -21.77 -22.75 -13.16
C PRO A 107 -22.52 -23.65 -12.19
N LYS A 108 -22.08 -24.91 -12.05
CA LYS A 108 -22.76 -25.79 -11.11
C LYS A 108 -22.50 -25.42 -9.66
N GLY A 109 -21.83 -24.32 -9.38
CA GLY A 109 -21.59 -23.81 -8.05
C GLY A 109 -20.14 -23.94 -7.65
N GLY A 110 -19.72 -23.07 -6.72
CA GLY A 110 -18.38 -23.14 -6.15
C GLY A 110 -17.31 -22.51 -7.01
N ASN A 111 -16.07 -22.97 -6.78
CA ASN A 111 -14.87 -22.40 -7.41
C ASN A 111 -14.35 -23.32 -8.51
N MSE A 112 -14.17 -22.76 -9.70
CA MSE A 112 -13.34 -23.39 -10.72
C MSE A 112 -11.92 -23.50 -10.15
O MSE A 112 -11.58 -22.78 -9.22
CB MSE A 112 -13.29 -22.56 -12.00
CG MSE A 112 -14.56 -21.81 -12.39
SE MSE A 112 -14.76 -21.69 -14.33
CE MSE A 112 -13.20 -20.65 -14.78
N ARG A 113 -11.09 -24.37 -10.72
CA ARG A 113 -9.67 -24.34 -10.41
C ARG A 113 -8.85 -23.83 -11.58
N GLY A 114 -9.48 -23.25 -12.59
CA GLY A 114 -8.78 -22.57 -13.65
C GLY A 114 -9.41 -21.22 -13.86
N ALA A 115 -9.04 -20.53 -14.94
CA ALA A 115 -9.50 -19.17 -15.15
C ALA A 115 -10.69 -19.13 -16.10
N VAL A 116 -11.52 -18.10 -15.93
CA VAL A 116 -12.51 -17.72 -16.94
C VAL A 116 -11.78 -17.00 -18.07
N LEU A 117 -12.06 -17.38 -19.30
CA LEU A 117 -11.69 -16.54 -20.42
C LEU A 117 -12.85 -15.62 -20.76
N MSE A 118 -12.52 -14.45 -21.28
CA MSE A 118 -13.54 -13.47 -21.67
C MSE A 118 -13.02 -12.71 -22.87
O MSE A 118 -11.84 -12.35 -22.89
CB MSE A 118 -13.85 -12.48 -20.55
CG MSE A 118 -15.18 -12.69 -19.86
SE MSE A 118 -15.79 -11.07 -18.90
CE MSE A 118 -17.18 -11.85 -17.80
N ASP A 119 -13.84 -12.47 -23.89
CA ASP A 119 -13.46 -11.47 -24.87
C ASP A 119 -13.71 -10.09 -24.29
N ILE A 120 -13.02 -9.11 -24.84
CA ILE A 120 -13.15 -7.75 -24.36
C ILE A 120 -14.39 -7.09 -24.97
N GLU A 121 -15.41 -7.90 -25.30
CA GLU A 121 -16.62 -7.36 -25.92
C GLU A 121 -17.93 -8.09 -25.57
N THR A 122 -18.09 -9.34 -25.98
CA THR A 122 -19.35 -10.01 -25.68
C THR A 122 -19.51 -10.28 -24.19
N GLY A 123 -18.42 -10.22 -23.42
CA GLY A 123 -18.48 -10.53 -21.99
C GLY A 123 -18.98 -11.92 -21.68
N GLU A 124 -18.80 -12.85 -22.61
CA GLU A 124 -19.20 -14.22 -22.41
C GLU A 124 -17.96 -15.06 -22.15
N ARG A 125 -18.18 -16.21 -21.53
CA ARG A 125 -17.12 -17.11 -21.08
C ARG A 125 -16.73 -18.03 -22.25
N LEU A 126 -15.53 -17.79 -22.81
CA LEU A 126 -14.98 -18.54 -23.93
C LEU A 126 -14.25 -19.81 -23.53
N GLU A 127 -14.13 -20.09 -22.23
CA GLU A 127 -13.36 -21.26 -21.79
C GLU A 127 -14.05 -22.55 -22.24
N GLU A 128 -13.25 -23.57 -22.51
CA GLU A 128 -13.77 -24.87 -22.94
C GLU A 128 -14.57 -25.51 -21.81
N ASP A 129 -13.97 -26.34 -20.96
CA ASP A 129 -14.68 -26.85 -19.79
C ASP A 129 -14.97 -25.68 -18.86
N LYS A 130 -16.19 -25.13 -18.95
CA LYS A 130 -16.52 -23.96 -18.16
C LYS A 130 -16.83 -24.29 -16.72
N GLU A 131 -16.41 -25.48 -16.26
CA GLU A 131 -16.40 -25.80 -14.85
C GLU A 131 -15.01 -26.02 -14.27
N ARG A 132 -14.00 -26.10 -15.13
CA ARG A 132 -12.62 -26.06 -14.72
C ARG A 132 -11.87 -24.86 -15.28
N GLY A 133 -12.13 -24.45 -16.51
CA GLY A 133 -11.47 -23.31 -17.07
C GLY A 133 -10.01 -23.60 -17.37
N VAL A 134 -9.34 -22.57 -17.90
CA VAL A 134 -7.96 -22.70 -18.36
C VAL A 134 -7.02 -22.58 -17.17
N ARG A 135 -6.06 -23.51 -17.08
CA ARG A 135 -5.01 -23.47 -16.07
C ARG A 135 -3.70 -23.09 -16.76
N THR A 136 -3.16 -21.93 -16.42
CA THR A 136 -1.84 -21.54 -16.91
C THR A 136 -0.77 -22.30 -16.15
N ILE A 137 0.19 -22.87 -16.87
CA ILE A 137 1.21 -23.75 -16.30
C ILE A 137 2.54 -23.51 -17.02
N HIS A 138 3.57 -24.24 -16.58
CA HIS A 138 4.88 -24.26 -17.23
C HIS A 138 5.53 -22.90 -17.21
N PHE A 139 5.58 -22.30 -16.03
CA PHE A 139 6.25 -21.03 -15.81
C PHE A 139 6.88 -21.09 -14.44
N ASP A 140 7.87 -20.22 -14.21
CA ASP A 140 8.55 -20.16 -12.91
C ASP A 140 9.49 -18.98 -12.91
N TRP A 141 9.85 -18.55 -11.71
CA TRP A 141 10.93 -17.59 -11.57
C TRP A 141 12.26 -18.26 -11.91
N LYS A 142 13.07 -17.61 -12.74
CA LYS A 142 14.37 -18.16 -13.08
C LYS A 142 15.24 -18.35 -11.83
N ASP A 143 15.13 -17.46 -10.86
CA ASP A 143 15.79 -17.64 -9.57
C ASP A 143 14.74 -17.37 -8.48
N ARG A 144 13.98 -18.42 -8.13
CA ARG A 144 12.88 -18.23 -7.19
C ARG A 144 13.38 -17.87 -5.79
N LYS A 145 14.46 -18.51 -5.33
CA LYS A 145 14.93 -18.25 -3.97
C LYS A 145 15.33 -16.79 -3.79
N LYS A 146 15.99 -16.22 -4.81
CA LYS A 146 16.36 -14.81 -4.75
C LYS A 146 15.11 -13.93 -4.78
N VAL A 147 14.28 -14.12 -5.80
CA VAL A 147 13.05 -13.33 -5.95
C VAL A 147 12.21 -13.38 -4.68
N THR A 148 12.05 -14.57 -4.10
CA THR A 148 11.20 -14.69 -2.91
C THR A 148 11.77 -13.91 -1.75
N GLU A 149 13.10 -13.96 -1.57
CA GLU A 149 13.75 -13.17 -0.53
C GLU A 149 13.52 -11.68 -0.77
N LYS A 150 13.79 -11.20 -1.98
CA LYS A 150 13.61 -9.79 -2.30
C LYS A 150 12.19 -9.32 -1.99
N LEU A 151 11.17 -10.00 -2.55
CA LEU A 151 9.79 -9.53 -2.39
C LEU A 151 9.28 -9.71 -0.97
N LEU A 152 9.74 -10.74 -0.24
CA LEU A 152 9.29 -10.88 1.15
C LEU A 152 9.85 -9.74 2.00
N LYS A 153 11.11 -9.36 1.77
CA LYS A 153 11.69 -8.23 2.48
C LYS A 153 10.95 -6.94 2.14
N GLU A 154 10.65 -6.75 0.85
CA GLU A 154 9.83 -5.61 0.42
C GLU A 154 8.40 -5.64 0.99
N GLY A 155 8.00 -6.58 1.86
CA GLY A 155 6.70 -6.54 2.50
C GLY A 155 5.61 -7.39 1.88
N TYR A 156 5.86 -8.02 0.72
CA TYR A 156 4.86 -8.84 0.07
C TYR A 156 4.80 -10.23 0.71
N THR A 157 3.81 -11.02 0.28
CA THR A 157 3.64 -12.37 0.80
C THR A 157 4.14 -13.42 -0.21
N LEU A 158 4.09 -14.68 0.21
CA LEU A 158 4.40 -15.79 -0.69
C LEU A 158 3.35 -15.94 -1.78
N ARG A 159 2.12 -15.50 -1.51
CA ARG A 159 1.09 -15.54 -2.54
C ARG A 159 1.36 -14.50 -3.63
N THR A 160 1.88 -13.32 -3.25
CA THR A 160 2.31 -12.35 -4.25
C THR A 160 3.37 -12.96 -5.16
N VAL A 161 4.35 -13.62 -4.56
CA VAL A 161 5.44 -14.19 -5.34
C VAL A 161 4.89 -15.10 -6.41
N ASP A 162 3.95 -15.99 -6.02
CA ASP A 162 3.38 -16.90 -6.99
C ASP A 162 2.46 -16.18 -7.97
N ALA A 163 1.62 -15.25 -7.49
CA ALA A 163 0.67 -14.56 -8.36
C ALA A 163 1.39 -13.69 -9.39
N LEU A 164 2.50 -13.06 -8.99
CA LEU A 164 3.27 -12.23 -9.91
C LEU A 164 3.75 -13.03 -11.10
N ALA A 165 4.45 -14.13 -10.84
CA ALA A 165 5.00 -14.92 -11.92
C ALA A 165 3.90 -15.46 -12.82
N LEU A 166 2.71 -15.70 -12.27
CA LEU A 166 1.62 -16.24 -13.07
C LEU A 166 1.06 -15.20 -14.03
N THR A 167 0.72 -14.00 -13.52
CA THR A 167 0.21 -12.96 -14.43
C THR A 167 1.21 -12.61 -15.49
N PHE A 168 2.48 -12.44 -15.10
CA PHE A 168 3.46 -12.00 -16.10
C PHE A 168 3.58 -13.01 -17.23
N LYS A 169 3.26 -14.28 -16.97
CA LYS A 169 3.12 -15.25 -18.05
C LYS A 169 1.82 -15.03 -18.79
N ASN A 170 0.71 -14.93 -18.05
CA ASN A 170 -0.59 -14.66 -18.67
C ASN A 170 -0.51 -13.47 -19.60
N LEU A 171 0.16 -12.40 -19.18
CA LEU A 171 0.28 -11.21 -20.03
C LEU A 171 1.25 -11.46 -21.19
N PHE A 172 2.35 -12.17 -20.93
CA PHE A 172 3.28 -12.51 -21.99
C PHE A 172 2.61 -13.34 -23.08
N CYS A 173 1.56 -14.09 -22.74
CA CYS A 173 0.82 -14.91 -23.69
C CYS A 173 -0.33 -14.16 -24.34
N GLY A 174 -0.33 -12.83 -24.29
CA GLY A 174 -1.39 -12.08 -24.92
C GLY A 174 -2.73 -12.12 -24.23
N VAL A 175 -2.77 -12.26 -22.91
CA VAL A 175 -3.91 -11.78 -22.14
C VAL A 175 -3.71 -10.29 -21.92
N VAL A 176 -4.75 -9.50 -22.11
CA VAL A 176 -4.57 -8.05 -22.02
C VAL A 176 -4.70 -7.57 -20.58
N ALA A 177 -5.60 -8.18 -19.80
CA ALA A 177 -5.79 -7.80 -18.40
C ALA A 177 -6.33 -8.99 -17.63
N GLU A 178 -6.13 -8.97 -16.31
CA GLU A 178 -6.54 -10.06 -15.43
C GLU A 178 -7.23 -9.51 -14.19
N LEU A 179 -8.26 -10.21 -13.75
CA LEU A 179 -8.91 -9.95 -12.47
C LEU A 179 -8.84 -11.22 -11.63
N CYS A 180 -8.50 -11.08 -10.34
CA CYS A 180 -8.20 -12.22 -9.49
C CYS A 180 -8.35 -11.85 -8.03
N TRP A 181 -9.04 -12.69 -7.26
CA TRP A 181 -8.81 -12.73 -5.82
C TRP A 181 -8.86 -14.17 -5.36
N SER A 182 -8.45 -14.39 -4.12
CA SER A 182 -8.22 -15.75 -3.65
C SER A 182 -9.55 -16.40 -3.27
N ASP A 183 -9.56 -17.73 -3.28
CA ASP A 183 -10.69 -18.43 -2.70
C ASP A 183 -10.47 -18.82 -1.26
N ASP A 184 -9.22 -18.76 -0.77
CA ASP A 184 -8.97 -18.86 0.65
C ASP A 184 -9.82 -17.84 1.39
N PRO A 185 -10.62 -18.25 2.38
CA PRO A 185 -11.51 -17.28 3.05
C PRO A 185 -10.78 -16.33 3.99
N ASP A 186 -9.52 -16.61 4.30
CA ASP A 186 -8.71 -15.79 5.19
C ASP A 186 -7.80 -14.81 4.46
N TYR A 187 -7.84 -14.76 3.12
CA TYR A 187 -6.90 -13.94 2.36
C TYR A 187 -7.71 -13.10 1.38
N VAL A 188 -7.86 -11.81 1.67
CA VAL A 188 -8.81 -10.97 0.96
C VAL A 188 -8.11 -9.99 0.02
N THR A 189 -6.81 -10.12 -0.20
CA THR A 189 -6.10 -9.27 -1.14
C THR A 189 -6.12 -9.95 -2.50
N GLY A 190 -6.43 -9.19 -3.53
CA GLY A 190 -6.40 -9.74 -4.87
C GLY A 190 -5.71 -8.76 -5.78
N TYR A 191 -6.02 -8.80 -7.07
CA TYR A 191 -5.34 -7.85 -7.93
C TYR A 191 -6.05 -7.71 -9.26
N VAL A 192 -5.69 -6.65 -9.94
CA VAL A 192 -5.99 -6.41 -11.34
C VAL A 192 -4.64 -6.20 -12.01
N SER A 193 -4.54 -6.60 -13.28
CA SER A 193 -3.22 -6.67 -13.89
C SER A 193 -3.29 -6.37 -15.39
N GLY A 194 -2.28 -5.65 -15.88
CA GLY A 194 -2.21 -5.33 -17.29
C GLY A 194 -0.86 -4.74 -17.64
N LYS A 195 -0.57 -4.75 -18.95
CA LYS A 195 0.76 -4.34 -19.41
C LYS A 195 1.01 -2.86 -19.15
N GLU A 196 -0.05 -2.03 -19.06
CA GLU A 196 0.05 -0.60 -18.77
C GLU A 196 -0.18 -0.27 -17.29
N ILE A 197 -1.25 -0.81 -16.69
CA ILE A 197 -1.53 -0.55 -15.28
C ILE A 197 -0.57 -1.29 -14.35
N GLY A 198 0.11 -2.34 -14.83
CA GLY A 198 0.99 -3.13 -13.99
C GLY A 198 0.23 -4.12 -13.12
N TYR A 199 0.85 -4.47 -12.01
CA TYR A 199 0.28 -5.40 -11.03
C TYR A 199 -0.32 -4.56 -9.90
N VAL A 200 -1.63 -4.41 -9.90
CA VAL A 200 -2.34 -3.51 -8.97
C VAL A 200 -2.97 -4.37 -7.88
N ARG A 201 -2.31 -4.46 -6.72
CA ARG A 201 -2.86 -5.20 -5.60
C ARG A 201 -3.95 -4.37 -4.94
N ILE A 202 -5.09 -5.01 -4.64
CA ILE A 202 -6.27 -4.37 -4.07
C ILE A 202 -6.72 -5.20 -2.88
N THR A 203 -6.99 -4.53 -1.75
CA THR A 203 -7.44 -5.26 -0.55
C THR A 203 -8.80 -4.69 -0.20
N PRO A 204 -9.54 -5.46 0.65
CA PRO A 204 -10.75 -6.30 0.64
C PRO A 204 -11.43 -6.42 -0.73
N LEU A 205 -11.00 -7.37 -1.56
CA LEU A 205 -11.77 -7.70 -2.74
C LEU A 205 -12.92 -8.66 -2.45
N LYS A 206 -13.06 -9.09 -1.20
CA LYS A 206 -14.12 -9.99 -0.78
C LYS A 206 -14.11 -9.98 0.74
N GLU A 207 -15.25 -10.31 1.32
CA GLU A 207 -15.37 -10.35 2.78
C GLU A 207 -14.59 -11.52 3.34
N LYS A 208 -14.04 -11.34 4.54
CA LYS A 208 -13.46 -12.48 5.24
C LYS A 208 -14.51 -13.58 5.35
N GLY A 209 -14.05 -14.83 5.39
CA GLY A 209 -14.94 -15.98 5.43
C GLY A 209 -15.60 -16.33 4.11
N ASP A 210 -15.72 -15.39 3.18
CA ASP A 210 -16.20 -15.71 1.84
C ASP A 210 -15.22 -16.70 1.19
N PRO A 211 -15.71 -17.83 0.64
CA PRO A 211 -14.79 -18.82 0.09
C PRO A 211 -14.82 -18.87 -1.42
N LEU A 212 -15.35 -17.84 -2.07
CA LEU A 212 -15.43 -17.82 -3.52
C LEU A 212 -14.34 -16.93 -4.11
N GLY A 213 -13.43 -17.55 -4.88
CA GLY A 213 -12.41 -16.81 -5.58
C GLY A 213 -12.24 -17.27 -7.01
N GLY A 214 -11.15 -16.83 -7.65
CA GLY A 214 -10.90 -17.27 -9.00
C GLY A 214 -10.26 -16.20 -9.83
N ARG A 215 -9.93 -16.54 -11.07
CA ARG A 215 -9.34 -15.60 -12.00
C ARG A 215 -10.27 -15.44 -13.19
N VAL A 216 -10.11 -14.32 -13.89
CA VAL A 216 -10.74 -14.06 -15.17
C VAL A 216 -9.68 -13.42 -16.05
N TYR A 217 -9.41 -14.01 -17.21
CA TYR A 217 -8.51 -13.41 -18.17
C TYR A 217 -9.33 -12.74 -19.26
N PHE A 218 -8.95 -11.52 -19.62
CA PHE A 218 -9.59 -10.79 -20.71
C PHE A 218 -8.71 -10.91 -21.96
N VAL A 219 -9.30 -11.40 -23.05
CA VAL A 219 -8.55 -11.76 -24.25
C VAL A 219 -9.30 -11.34 -25.51
N SER A 220 -8.55 -11.23 -26.61
CA SER A 220 -9.09 -11.02 -27.94
C SER A 220 -9.48 -12.37 -28.54
N ARG A 221 -10.79 -12.64 -28.68
CA ARG A 221 -11.24 -13.89 -29.28
C ARG A 221 -10.60 -14.12 -30.65
N LYS A 222 -10.30 -13.05 -31.37
CA LYS A 222 -9.46 -13.05 -32.57
C LYS A 222 -8.14 -13.79 -32.37
N GLU A 223 -7.68 -13.95 -31.12
CA GLU A 223 -6.37 -14.50 -30.82
C GLU A 223 -6.42 -15.78 -29.97
N LEU A 224 -7.61 -16.22 -29.58
CA LEU A 224 -7.77 -17.26 -28.57
C LEU A 224 -6.89 -18.48 -28.82
N SER A 225 -6.58 -18.78 -30.08
CA SER A 225 -5.86 -20.01 -30.39
C SER A 225 -4.43 -19.96 -29.87
N GLU A 226 -3.68 -18.90 -30.21
CA GLU A 226 -2.29 -18.84 -29.74
C GLU A 226 -2.19 -18.71 -28.23
N ILE A 227 -3.17 -18.06 -27.60
CA ILE A 227 -3.11 -17.81 -26.16
C ILE A 227 -3.20 -19.13 -25.39
N ILE A 228 -4.27 -19.90 -25.62
CA ILE A 228 -4.40 -21.21 -24.95
C ILE A 228 -3.18 -22.06 -25.21
N GLU A 229 -2.62 -21.97 -26.42
CA GLU A 229 -1.35 -22.64 -26.70
C GLU A 229 -0.26 -22.17 -25.76
N CYS A 230 -0.03 -20.84 -25.73
CA CYS A 230 1.03 -20.29 -24.89
C CYS A 230 0.76 -20.52 -23.41
N LEU A 231 -0.50 -20.34 -22.98
CA LEU A 231 -0.82 -20.49 -21.57
C LEU A 231 -0.51 -21.90 -21.08
N THR A 232 -0.96 -22.91 -21.82
CA THR A 232 -0.96 -24.29 -21.34
C THR A 232 0.25 -25.10 -21.78
N GLN A 233 1.05 -24.62 -22.73
CA GLN A 233 2.12 -25.45 -23.30
C GLN A 233 3.46 -24.76 -23.34
N LYS A 234 3.49 -23.44 -23.53
CA LYS A 234 4.79 -22.77 -23.67
C LYS A 234 5.47 -22.63 -22.30
N VAL A 235 6.80 -22.79 -22.30
CA VAL A 235 7.58 -22.88 -21.07
C VAL A 235 8.37 -21.59 -20.88
N VAL A 236 8.10 -20.86 -19.80
CA VAL A 236 8.64 -19.52 -19.61
C VAL A 236 9.31 -19.41 -18.24
N LEU A 237 10.61 -19.12 -18.24
CA LEU A 237 11.25 -18.64 -17.03
C LEU A 237 11.20 -17.13 -17.00
N ILE A 238 11.25 -16.57 -15.79
CA ILE A 238 11.09 -15.14 -15.58
C ILE A 238 12.22 -14.65 -14.69
N GLU A 239 12.98 -13.67 -15.17
CA GLU A 239 14.04 -13.08 -14.37
C GLU A 239 13.77 -11.60 -14.16
N LEU A 240 14.41 -11.06 -13.13
CA LEU A 240 14.21 -9.68 -12.75
C LEU A 240 15.15 -8.76 -13.49
N ASP B 2 3.44 22.23 37.42
CA ASP B 2 4.09 20.99 37.03
C ASP B 2 3.36 20.22 35.92
N LEU B 3 3.96 20.22 34.73
CA LEU B 3 3.44 19.54 33.54
C LEU B 3 4.07 18.16 33.36
N PHE B 4 3.34 17.31 32.63
CA PHE B 4 3.76 15.94 32.37
C PHE B 4 3.49 15.63 30.92
N SER B 5 4.49 15.11 30.23
CA SER B 5 4.33 14.56 28.89
C SER B 5 3.91 13.09 28.99
N VAL B 6 2.84 12.75 28.27
CA VAL B 6 2.31 11.38 28.21
C VAL B 6 2.39 10.96 26.75
N ARG B 7 3.23 9.97 26.44
CA ARG B 7 3.41 9.52 25.07
C ARG B 7 3.02 8.06 24.95
N MSE B 8 2.13 7.77 24.02
CA MSE B 8 1.65 6.42 23.82
C MSE B 8 1.95 5.93 22.41
O MSE B 8 1.91 6.70 21.45
CB MSE B 8 0.13 6.37 24.10
CG MSE B 8 -0.50 4.98 24.00
SE MSE B 8 -0.91 4.36 22.15
CE MSE B 8 -2.32 5.65 21.70
N ARG B 9 2.29 4.64 22.31
CA ARG B 9 2.41 3.95 21.04
C ARG B 9 1.89 2.53 21.21
N ALA B 10 1.34 1.99 20.13
CA ALA B 10 0.72 0.69 20.15
C ALA B 10 1.03 -0.03 18.84
N GLN B 11 1.19 -1.36 18.91
CA GLN B 11 1.37 -2.20 17.74
C GLN B 11 0.34 -3.31 17.74
N LYS B 12 0.11 -3.85 16.56
CA LYS B 12 -0.54 -5.14 16.41
C LYS B 12 0.21 -5.92 15.35
N ASN B 13 0.56 -7.17 15.68
CA ASN B 13 1.27 -8.09 14.78
C ASN B 13 2.58 -7.54 14.28
N GLY B 14 3.27 -6.76 15.10
CA GLY B 14 4.51 -6.14 14.68
C GLY B 14 4.35 -4.88 13.86
N LYS B 15 3.13 -4.42 13.62
CA LYS B 15 2.88 -3.19 12.87
C LYS B 15 2.37 -2.11 13.82
N HIS B 16 2.99 -0.93 13.75
CA HIS B 16 2.48 0.24 14.46
C HIS B 16 1.05 0.54 14.01
N VAL B 17 0.15 0.72 14.96
CA VAL B 17 -1.27 1.01 14.65
C VAL B 17 -1.81 2.24 15.33
N SER B 18 -1.11 2.86 16.28
CA SER B 18 -1.68 3.97 17.03
C SER B 18 -0.60 4.68 17.82
N GLY B 19 -0.72 6.00 17.95
CA GLY B 19 0.22 6.78 18.75
C GLY B 19 -0.31 8.16 19.04
N ALA B 20 0.13 8.74 20.16
CA ALA B 20 -0.39 10.06 20.54
C ALA B 20 0.44 10.60 21.69
N GLU B 21 0.42 11.94 21.83
CA GLU B 21 1.05 12.58 22.97
C GLU B 21 0.12 13.63 23.55
N ARG B 22 0.05 13.68 24.88
CA ARG B 22 -0.63 14.76 25.58
C ARG B 22 0.34 15.33 26.59
N ILE B 23 0.26 16.64 26.84
CA ILE B 23 1.13 17.30 27.81
C ILE B 23 0.21 18.08 28.74
N VAL B 24 0.05 17.60 29.97
CA VAL B 24 -1.02 18.07 30.85
C VAL B 24 -0.50 18.27 32.26
N LYS B 25 -1.21 19.12 33.00
CA LYS B 25 -0.94 19.36 34.42
C LYS B 25 -1.27 18.10 35.23
N LYS B 26 -0.72 18.02 36.44
CA LYS B 26 -0.82 16.79 37.24
C LYS B 26 -2.27 16.34 37.38
N GLU B 27 -3.16 17.25 37.73
CA GLU B 27 -4.54 16.84 37.97
C GLU B 27 -5.25 16.32 36.73
N GLU B 28 -4.65 16.46 35.55
CA GLU B 28 -5.24 15.94 34.32
C GLU B 28 -4.51 14.71 33.80
N LEU B 29 -3.48 14.26 34.51
CA LEU B 29 -2.65 13.14 34.06
C LEU B 29 -3.48 11.87 33.91
N GLU B 30 -4.25 11.50 34.94
CA GLU B 30 -5.06 10.29 34.82
C GLU B 30 -5.97 10.36 33.59
N THR B 31 -6.59 11.53 33.37
CA THR B 31 -7.49 11.69 32.21
C THR B 31 -6.75 11.46 30.88
N ALA B 32 -5.53 12.00 30.76
CA ALA B 32 -4.76 11.81 29.55
C ALA B 32 -4.43 10.33 29.34
N VAL B 33 -4.00 9.64 30.39
CA VAL B 33 -3.67 8.23 30.23
C VAL B 33 -4.91 7.44 29.86
N LYS B 34 -6.06 7.77 30.45
CA LYS B 34 -7.28 7.06 30.08
C LYS B 34 -7.69 7.36 28.64
N GLU B 35 -7.50 8.59 28.16
CA GLU B 35 -7.79 8.85 26.76
C GLU B 35 -6.90 8.00 25.86
N LEU B 36 -5.60 7.95 26.15
CA LEU B 36 -4.65 7.33 25.24
C LEU B 36 -4.68 5.81 25.32
N LEU B 37 -4.97 5.28 26.52
CA LEU B 37 -5.13 3.84 26.67
C LEU B 37 -6.25 3.31 25.80
N ASN B 38 -7.31 4.11 25.61
CA ASN B 38 -8.50 3.75 24.87
C ASN B 38 -8.37 4.01 23.37
N ARG B 39 -7.34 4.73 22.93
CA ARG B 39 -7.30 5.18 21.55
C ARG B 39 -7.20 4.05 20.53
N PRO B 40 -6.32 3.05 20.65
CA PRO B 40 -6.30 1.99 19.64
C PRO B 40 -7.56 1.12 19.70
N LYS B 41 -7.99 0.64 18.54
CA LYS B 41 -9.09 -0.32 18.50
C LYS B 41 -8.63 -1.68 19.00
N GLU B 42 -7.47 -2.14 18.51
CA GLU B 42 -6.88 -3.41 18.89
C GLU B 42 -5.39 -3.23 19.01
N PHE B 43 -4.76 -4.01 19.89
CA PHE B 43 -3.32 -4.02 19.97
C PHE B 43 -2.86 -5.28 20.68
N ASP B 44 -1.68 -5.76 20.30
CA ASP B 44 -0.94 -6.78 21.03
C ASP B 44 -0.05 -6.17 22.09
N PHE B 45 0.41 -4.95 21.85
CA PHE B 45 1.45 -4.36 22.64
C PHE B 45 1.24 -2.86 22.69
N MSE B 46 1.36 -2.30 23.88
CA MSE B 46 1.28 -0.85 24.04
C MSE B 46 2.30 -0.35 25.04
O MSE B 46 2.57 -1.00 26.05
CB MSE B 46 -0.11 -0.44 24.51
CG MSE B 46 -0.25 1.07 24.74
SE MSE B 46 -1.96 1.51 25.50
CE MSE B 46 -3.12 0.93 24.07
N ASN B 47 2.87 0.82 24.78
CA ASN B 47 3.75 1.44 25.76
C ASN B 47 3.31 2.88 26.03
N VAL B 48 3.23 3.22 27.30
CA VAL B 48 2.92 4.59 27.73
C VAL B 48 4.07 5.09 28.59
N LYS B 49 4.55 6.27 28.26
CA LYS B 49 5.71 6.86 28.89
C LYS B 49 5.29 8.21 29.46
N VAL B 50 5.40 8.37 30.78
CA VAL B 50 5.08 9.61 31.48
C VAL B 50 6.39 10.25 31.93
N GLU B 51 6.58 11.54 31.61
CA GLU B 51 7.83 12.24 31.94
C GLU B 51 7.49 13.61 32.48
N LYS B 52 8.09 13.99 33.62
CA LYS B 52 7.85 15.34 34.15
C LYS B 52 8.60 16.36 33.31
N VAL B 53 7.89 17.39 32.89
CA VAL B 53 8.46 18.42 32.03
C VAL B 53 9.22 19.42 32.89
N LYS B 54 10.48 19.65 32.54
CA LYS B 54 11.29 20.64 33.23
C LYS B 54 10.96 22.04 32.72
N ASP B 55 11.51 22.41 31.58
CA ASP B 55 11.26 23.70 30.98
C ASP B 55 10.38 23.51 29.76
N PHE B 56 9.43 24.43 29.56
CA PHE B 56 8.55 24.44 28.40
C PHE B 56 8.28 25.88 28.00
N GLU B 57 7.58 26.05 26.90
CA GLU B 57 7.27 27.39 26.43
C GLU B 57 5.87 27.41 25.83
N VAL B 58 5.14 28.50 26.07
CA VAL B 58 3.78 28.68 25.56
C VAL B 58 3.82 29.66 24.39
N VAL B 59 3.23 29.26 23.27
CA VAL B 59 3.25 30.03 22.04
C VAL B 59 1.81 30.20 21.57
N LYS B 60 1.54 31.32 20.91
CA LYS B 60 0.19 31.68 20.50
C LYS B 60 -0.03 31.30 19.05
N PHE B 61 -1.04 30.50 18.79
CA PHE B 61 -1.32 30.07 17.43
C PHE B 61 -1.75 31.28 16.62
N ASN B 62 -1.21 31.41 15.38
CA ASN B 62 -1.51 32.59 14.59
C ASN B 62 -1.42 32.37 13.09
N LEU B 63 -1.62 31.13 12.62
CA LEU B 63 -1.65 30.86 11.19
C LEU B 63 -3.07 31.03 10.67
N LYS B 64 -3.19 31.63 9.50
CA LYS B 64 -4.49 31.66 8.84
C LYS B 64 -4.72 30.33 8.12
N ILE B 65 -5.88 29.74 8.35
CA ILE B 65 -6.27 28.46 7.76
C ILE B 65 -7.04 28.74 6.48
N SER B 66 -6.64 28.11 5.38
CA SER B 66 -7.45 28.17 4.18
C SER B 66 -7.60 26.76 3.63
N THR B 67 -8.61 26.58 2.77
CA THR B 67 -8.98 25.28 2.20
C THR B 67 -9.21 25.39 0.71
N TYR B 68 -8.74 24.42 -0.07
CA TYR B 68 -8.87 24.42 -1.52
C TYR B 68 -9.09 23.01 -2.03
N SER B 69 -10.04 22.83 -2.96
CA SER B 69 -10.39 21.54 -3.54
C SER B 69 -10.12 21.56 -5.04
N PHE B 70 -9.81 20.39 -5.59
CA PHE B 70 -9.42 20.28 -6.99
C PHE B 70 -10.06 19.03 -7.57
N LYS B 71 -10.03 18.92 -8.91
CA LYS B 71 -10.66 17.77 -9.55
C LYS B 71 -9.85 16.51 -9.36
N SER B 72 -8.52 16.62 -9.24
CA SER B 72 -7.64 15.47 -9.34
C SER B 72 -6.40 15.70 -8.50
N PRO B 73 -5.75 14.66 -8.01
CA PRO B 73 -4.45 14.81 -7.35
C PRO B 73 -3.43 15.61 -8.14
N GLU B 74 -3.43 15.49 -9.46
CA GLU B 74 -2.44 16.20 -10.26
C GLU B 74 -2.56 17.71 -10.09
N GLU B 75 -3.79 18.24 -10.21
CA GLU B 75 -3.98 19.67 -10.03
C GLU B 75 -3.72 20.08 -8.58
N ALA B 76 -4.20 19.29 -7.62
CA ALA B 76 -3.94 19.58 -6.21
C ALA B 76 -2.45 19.67 -5.96
N ARG B 77 -1.67 18.71 -6.48
CA ARG B 77 -0.24 18.75 -6.25
C ARG B 77 0.40 19.97 -6.89
N GLU B 78 -0.02 20.34 -8.11
CA GLU B 78 0.50 21.55 -8.74
C GLU B 78 0.28 22.75 -7.85
N PHE B 79 -0.91 22.85 -7.24
CA PHE B 79 -1.23 23.94 -6.32
C PHE B 79 -0.32 23.93 -5.10
N ALA B 80 -0.05 22.73 -4.55
CA ALA B 80 0.86 22.65 -3.42
C ALA B 80 2.23 23.17 -3.80
N VAL B 81 2.75 22.70 -4.94
CA VAL B 81 4.02 23.20 -5.44
C VAL B 81 3.97 24.71 -5.61
N LYS B 82 2.86 25.23 -6.15
CA LYS B 82 2.77 26.67 -6.35
C LYS B 82 2.80 27.40 -5.01
N LYS B 83 2.04 26.93 -4.02
CA LYS B 83 2.01 27.62 -2.74
C LYS B 83 3.38 27.55 -2.05
N LEU B 84 4.08 26.42 -2.18
CA LEU B 84 5.43 26.32 -1.62
C LEU B 84 6.36 27.37 -2.22
N THR B 85 6.16 27.77 -3.48
CA THR B 85 7.05 28.79 -4.05
C THR B 85 6.80 30.17 -3.44
N GLN B 86 5.62 30.42 -2.86
CA GLN B 86 5.38 31.68 -2.15
C GLN B 86 6.04 31.72 -0.79
N GLU B 87 6.64 30.61 -0.35
CA GLU B 87 7.57 30.62 0.75
C GLU B 87 9.01 30.62 0.27
N GLY B 88 9.24 30.88 -1.00
CA GLY B 88 10.58 31.03 -1.51
C GLY B 88 11.24 29.73 -1.88
N ILE B 89 10.50 28.63 -1.91
CA ILE B 89 11.02 27.35 -2.37
C ILE B 89 11.08 27.36 -3.89
N LYS B 90 12.21 26.97 -4.43
CA LYS B 90 12.29 26.84 -5.88
C LYS B 90 11.42 25.68 -6.34
N GLU B 91 10.81 25.86 -7.51
CA GLU B 91 9.80 24.92 -7.98
C GLU B 91 10.32 23.49 -8.07
N GLU B 92 11.59 23.31 -8.42
CA GLU B 92 12.06 21.95 -8.61
C GLU B 92 12.34 21.27 -7.28
N VAL B 93 12.59 22.05 -6.23
CA VAL B 93 12.72 21.48 -4.88
C VAL B 93 11.35 21.03 -4.37
N ALA B 94 10.34 21.91 -4.50
CA ALA B 94 8.97 21.54 -4.15
C ALA B 94 8.51 20.29 -4.88
N LYS B 95 8.74 20.22 -6.20
CA LYS B 95 8.33 19.01 -6.94
C LYS B 95 9.08 17.78 -6.44
N LYS B 96 10.34 17.94 -6.06
CA LYS B 96 11.08 16.79 -5.57
C LYS B 96 10.43 16.24 -4.31
N ALA B 97 9.95 17.13 -3.43
CA ALA B 97 9.28 16.71 -2.21
C ALA B 97 8.00 15.96 -2.52
N VAL B 98 7.24 16.43 -3.53
CA VAL B 98 6.01 15.74 -3.91
C VAL B 98 6.32 14.33 -4.40
N GLU B 99 7.39 14.18 -5.18
CA GLU B 99 7.67 12.86 -5.72
C GLU B 99 8.12 11.90 -4.64
N ILE B 100 8.91 12.37 -3.67
CA ILE B 100 9.38 11.49 -2.61
C ILE B 100 8.19 10.92 -1.82
N LEU B 101 7.30 11.79 -1.35
CA LEU B 101 6.13 11.29 -0.62
C LEU B 101 5.26 10.38 -1.50
N SER B 102 5.19 10.67 -2.80
CA SER B 102 4.37 9.89 -3.72
C SER B 102 4.92 8.49 -3.93
N LYS B 103 6.24 8.35 -4.01
CA LYS B 103 6.84 7.03 -4.18
C LYS B 103 7.05 6.31 -2.87
N GLY B 104 6.86 6.99 -1.74
CA GLY B 104 7.20 6.43 -0.45
C GLY B 104 8.55 6.94 0.03
N ALA B 105 8.56 7.68 1.14
CA ALA B 105 9.79 8.38 1.55
C ALA B 105 10.89 7.39 1.90
N ASN B 106 10.54 6.25 2.50
CA ASN B 106 11.51 5.23 2.81
C ASN B 106 12.12 4.72 1.51
N PRO B 107 13.42 4.96 1.26
CA PRO B 107 14.02 4.51 -0.01
C PRO B 107 14.05 2.99 -0.18
N LYS B 108 13.73 2.23 0.85
CA LYS B 108 13.53 0.78 0.72
C LYS B 108 12.05 0.43 0.62
N GLY B 109 11.20 1.41 0.40
CA GLY B 109 9.79 1.19 0.14
C GLY B 109 8.90 1.55 1.32
N GLY B 110 7.73 2.11 1.01
CA GLY B 110 6.78 2.49 2.03
C GLY B 110 7.05 3.86 2.62
N ASN B 111 6.46 4.10 3.77
CA ASN B 111 6.50 5.40 4.42
C ASN B 111 7.52 5.44 5.55
N MSE B 112 7.80 6.65 6.01
CA MSE B 112 8.53 6.93 7.26
C MSE B 112 7.58 7.53 8.29
O MSE B 112 6.77 8.38 7.94
CB MSE B 112 9.67 7.94 7.05
CG MSE B 112 10.66 7.60 6.00
SE MSE B 112 12.09 8.95 5.98
CE MSE B 112 13.00 8.20 4.52
N ARG B 113 7.74 7.17 9.57
CA ARG B 113 6.88 7.85 10.53
C ARG B 113 7.35 9.28 10.81
N GLY B 114 8.62 9.59 10.56
CA GLY B 114 9.09 10.94 10.65
C GLY B 114 9.12 11.64 9.30
N ALA B 115 9.59 12.89 9.33
CA ALA B 115 9.62 13.75 8.17
C ALA B 115 10.92 13.61 7.37
N VAL B 116 10.81 13.81 6.06
CA VAL B 116 12.00 14.14 5.28
C VAL B 116 12.44 15.55 5.64
N LEU B 117 13.74 15.72 5.89
CA LEU B 117 14.31 17.05 6.08
C LEU B 117 14.99 17.43 4.79
N MSE B 118 14.38 18.32 4.04
CA MSE B 118 14.91 18.71 2.75
C MSE B 118 15.59 20.06 2.77
O MSE B 118 15.03 21.05 3.23
CB MSE B 118 13.80 18.72 1.71
CG MSE B 118 14.33 18.97 0.33
SE MSE B 118 13.01 18.57 -1.06
CE MSE B 118 13.16 16.63 -1.02
N ASP B 119 16.82 20.08 2.24
CA ASP B 119 17.58 21.32 2.03
C ASP B 119 16.80 22.22 1.08
N ILE B 120 16.38 23.40 1.56
CA ILE B 120 15.61 24.31 0.70
C ILE B 120 16.40 24.69 -0.54
N GLU B 121 17.72 24.85 -0.39
CA GLU B 121 18.54 25.35 -1.49
C GLU B 121 18.76 24.28 -2.57
N THR B 122 19.08 23.05 -2.16
CA THR B 122 19.49 22.00 -3.09
C THR B 122 18.49 20.87 -3.23
N GLY B 123 17.49 20.78 -2.35
CA GLY B 123 16.55 19.68 -2.41
C GLY B 123 17.12 18.37 -1.91
N GLU B 124 18.31 18.41 -1.36
CA GLU B 124 18.94 17.21 -0.84
C GLU B 124 18.30 16.77 0.48
N ARG B 125 18.22 15.46 0.67
CA ARG B 125 17.64 14.92 1.89
C ARG B 125 18.68 14.95 3.01
N LEU B 126 18.40 15.69 4.08
CA LEU B 126 19.37 15.86 5.14
C LEU B 126 19.21 14.88 6.29
N GLU B 127 18.09 14.15 6.38
CA GLU B 127 17.91 13.26 7.52
C GLU B 127 18.82 12.05 7.40
N GLU B 128 19.42 11.66 8.52
CA GLU B 128 20.40 10.58 8.49
C GLU B 128 19.73 9.22 8.40
N ASP B 129 18.72 9.01 9.23
CA ASP B 129 17.96 7.77 9.27
C ASP B 129 16.80 7.89 8.27
N LYS B 130 16.91 7.21 7.12
CA LYS B 130 15.87 7.25 6.11
C LYS B 130 14.92 6.07 6.18
N GLU B 131 14.85 5.37 7.29
CA GLU B 131 13.69 4.53 7.50
C GLU B 131 12.71 5.17 8.45
N ARG B 132 13.21 5.93 9.41
CA ARG B 132 12.40 6.60 10.41
C ARG B 132 12.22 8.09 10.17
N GLY B 133 13.17 8.76 9.52
CA GLY B 133 13.00 10.22 9.39
C GLY B 133 13.13 10.87 10.76
N VAL B 134 12.67 12.10 10.86
CA VAL B 134 12.76 12.89 12.08
C VAL B 134 11.34 13.23 12.53
N ARG B 135 10.92 12.71 13.68
CA ARG B 135 9.58 12.92 14.21
C ARG B 135 9.52 14.14 15.13
N THR B 136 8.64 15.08 14.83
CA THR B 136 8.32 16.14 15.77
C THR B 136 7.51 15.61 16.95
N ILE B 137 7.95 15.89 18.18
CA ILE B 137 7.28 15.44 19.40
C ILE B 137 7.26 16.58 20.41
N HIS B 138 6.69 16.30 21.57
CA HIS B 138 6.71 17.20 22.74
C HIS B 138 6.01 18.53 22.47
N PHE B 139 4.82 18.47 21.88
CA PHE B 139 3.97 19.63 21.69
C PHE B 139 2.56 19.24 22.05
N ASP B 140 1.73 20.22 22.42
CA ASP B 140 0.33 19.94 22.61
C ASP B 140 -0.40 21.28 22.64
N TRP B 141 -1.70 21.23 22.34
CA TRP B 141 -2.55 22.38 22.63
C TRP B 141 -2.55 22.63 24.13
N LYS B 142 -2.50 23.91 24.50
CA LYS B 142 -2.55 24.28 25.92
C LYS B 142 -3.85 23.83 26.56
N ASP B 143 -4.98 23.96 25.84
CA ASP B 143 -6.29 23.54 26.34
C ASP B 143 -6.96 22.71 25.23
N ARG B 144 -6.64 21.42 25.19
CA ARG B 144 -7.03 20.61 24.04
C ARG B 144 -8.54 20.45 23.95
N LYS B 145 -9.23 20.25 25.09
CA LYS B 145 -10.67 20.08 25.05
C LYS B 145 -11.34 21.30 24.43
N LYS B 146 -10.85 22.51 24.74
CA LYS B 146 -11.46 23.71 24.17
C LYS B 146 -11.13 23.88 22.69
N VAL B 147 -9.87 23.71 22.31
CA VAL B 147 -9.51 23.79 20.89
C VAL B 147 -10.30 22.78 20.07
N THR B 148 -10.43 21.55 20.59
CA THR B 148 -11.06 20.49 19.82
C THR B 148 -12.52 20.81 19.50
N GLU B 149 -13.30 21.23 20.51
CA GLU B 149 -14.70 21.53 20.24
C GLU B 149 -14.83 22.71 19.28
N LYS B 150 -13.99 23.72 19.45
CA LYS B 150 -14.05 24.88 18.55
C LYS B 150 -13.83 24.45 17.10
N LEU B 151 -12.70 23.81 16.84
CA LEU B 151 -12.35 23.48 15.46
C LEU B 151 -13.34 22.51 14.82
N LEU B 152 -13.83 21.54 15.59
CA LEU B 152 -14.82 20.60 15.06
C LEU B 152 -16.09 21.31 14.62
N LYS B 153 -16.58 22.24 15.43
CA LYS B 153 -17.78 22.98 15.06
C LYS B 153 -17.55 23.89 13.87
N GLU B 154 -16.30 24.22 13.58
CA GLU B 154 -16.03 24.97 12.37
C GLU B 154 -15.88 24.07 11.16
N GLY B 155 -15.91 22.75 11.31
CA GLY B 155 -15.81 21.84 10.20
C GLY B 155 -14.47 21.16 9.98
N TYR B 156 -13.46 21.45 10.80
CA TYR B 156 -12.21 20.73 10.69
C TYR B 156 -12.30 19.40 11.41
N THR B 157 -11.54 18.41 10.94
CA THR B 157 -11.56 17.07 11.52
C THR B 157 -10.55 16.96 12.67
N LEU B 158 -10.64 15.86 13.41
CA LEU B 158 -9.65 15.60 14.44
C LEU B 158 -8.24 15.50 13.86
N ARG B 159 -8.11 15.05 12.61
CA ARG B 159 -6.80 15.07 11.99
C ARG B 159 -6.28 16.49 11.82
N THR B 160 -7.17 17.45 11.53
CA THR B 160 -6.76 18.84 11.47
C THR B 160 -6.30 19.32 12.84
N VAL B 161 -7.07 19.00 13.87
CA VAL B 161 -6.72 19.40 15.23
C VAL B 161 -5.28 18.98 15.55
N ASP B 162 -4.91 17.75 15.19
CA ASP B 162 -3.58 17.26 15.50
C ASP B 162 -2.54 17.92 14.58
N ALA B 163 -2.84 18.00 13.28
CA ALA B 163 -1.87 18.51 12.31
C ALA B 163 -1.58 19.99 12.56
N LEU B 164 -2.59 20.77 12.96
CA LEU B 164 -2.39 22.18 13.25
C LEU B 164 -1.31 22.37 14.30
N ALA B 165 -1.44 21.69 15.44
CA ALA B 165 -0.48 21.83 16.52
C ALA B 165 0.91 21.39 16.08
N LEU B 166 0.98 20.30 15.31
CA LEU B 166 2.28 19.79 14.89
C LEU B 166 2.97 20.74 13.91
N THR B 167 2.28 21.24 12.86
CA THR B 167 2.98 22.21 12.01
C THR B 167 3.38 23.44 12.80
N PHE B 168 2.53 23.87 13.72
CA PHE B 168 2.85 25.13 14.33
C PHE B 168 4.16 24.98 15.10
N LYS B 169 4.35 23.84 15.76
CA LYS B 169 5.63 23.59 16.40
C LYS B 169 6.76 23.53 15.38
N ASN B 170 6.49 22.94 14.21
CA ASN B 170 7.53 22.84 13.19
C ASN B 170 7.98 24.24 12.77
N LEU B 171 7.03 25.15 12.55
CA LEU B 171 7.39 26.48 12.08
C LEU B 171 8.04 27.27 13.19
N PHE B 172 7.55 27.09 14.41
CA PHE B 172 8.19 27.70 15.55
C PHE B 172 9.64 27.26 15.68
N CYS B 173 9.93 25.99 15.42
CA CYS B 173 11.26 25.41 15.58
C CYS B 173 12.23 25.79 14.47
N GLY B 174 11.81 26.55 13.47
CA GLY B 174 12.71 26.99 12.42
C GLY B 174 12.45 26.39 11.05
N VAL B 175 11.62 25.35 10.92
CA VAL B 175 11.22 24.85 9.60
C VAL B 175 10.64 26.01 8.79
N VAL B 176 11.10 26.15 7.54
CA VAL B 176 10.60 27.23 6.69
C VAL B 176 9.20 26.90 6.15
N ALA B 177 9.01 25.68 5.64
CA ALA B 177 7.72 25.26 5.12
C ALA B 177 7.60 23.74 5.21
N GLU B 178 6.36 23.26 5.10
CA GLU B 178 6.04 21.85 5.23
C GLU B 178 5.05 21.41 4.16
N LEU B 179 5.30 20.24 3.59
CA LEU B 179 4.36 19.54 2.72
C LEU B 179 3.89 18.29 3.45
N CYS B 180 2.59 18.05 3.45
CA CYS B 180 2.07 16.92 4.21
C CYS B 180 0.80 16.35 3.58
N TRP B 181 0.72 15.03 3.51
CA TRP B 181 -0.58 14.40 3.38
C TRP B 181 -0.52 13.07 4.10
N SER B 182 -1.70 12.49 4.31
CA SER B 182 -1.88 11.36 5.21
C SER B 182 -1.39 10.07 4.56
N ASP B 183 -0.97 9.14 5.40
CA ASP B 183 -0.72 7.79 4.91
C ASP B 183 -1.95 6.90 5.00
N ASP B 184 -2.96 7.35 5.72
CA ASP B 184 -4.22 6.63 5.80
C ASP B 184 -4.86 6.59 4.41
N PRO B 185 -5.14 5.42 3.84
CA PRO B 185 -5.59 5.38 2.44
C PRO B 185 -6.97 6.03 2.22
N ASP B 186 -7.74 6.27 3.27
CA ASP B 186 -9.06 6.86 3.15
C ASP B 186 -9.06 8.39 3.32
N TYR B 187 -7.98 9.00 3.82
CA TYR B 187 -7.97 10.44 4.11
C TYR B 187 -7.05 11.14 3.12
N VAL B 188 -7.64 11.93 2.24
CA VAL B 188 -6.95 12.45 1.05
C VAL B 188 -6.76 13.96 1.11
N THR B 189 -7.05 14.58 2.24
CA THR B 189 -6.73 15.99 2.41
C THR B 189 -5.37 16.12 3.10
N GLY B 190 -4.50 16.95 2.52
CA GLY B 190 -3.21 17.21 3.12
C GLY B 190 -3.03 18.69 3.29
N TYR B 191 -1.81 19.17 3.41
CA TYR B 191 -1.66 20.60 3.54
C TYR B 191 -0.25 20.98 3.13
N VAL B 192 -0.11 22.27 2.95
CA VAL B 192 1.17 22.91 2.77
C VAL B 192 1.16 24.06 3.76
N SER B 193 2.32 24.37 4.32
CA SER B 193 2.35 25.20 5.51
C SER B 193 3.56 26.12 5.51
N GLY B 194 3.39 27.30 6.08
CA GLY B 194 4.49 28.24 6.21
C GLY B 194 4.00 29.52 6.87
N LYS B 195 4.96 30.37 7.26
CA LYS B 195 4.62 31.61 7.95
C LYS B 195 3.98 32.64 7.03
N GLU B 196 4.32 32.65 5.74
CA GLU B 196 3.65 33.59 4.85
C GLU B 196 2.32 33.04 4.36
N ILE B 197 2.31 31.78 3.89
CA ILE B 197 1.11 31.21 3.28
C ILE B 197 0.10 30.73 4.31
N GLY B 198 0.50 30.54 5.57
CA GLY B 198 -0.42 30.02 6.56
C GLY B 198 -0.49 28.49 6.49
N TYR B 199 -1.68 27.96 6.85
CA TYR B 199 -1.98 26.53 6.84
C TYR B 199 -2.96 26.31 5.72
N VAL B 200 -2.49 25.69 4.63
CA VAL B 200 -3.26 25.62 3.39
C VAL B 200 -3.71 24.18 3.16
N ARG B 201 -4.95 23.88 3.53
CA ARG B 201 -5.52 22.57 3.24
C ARG B 201 -5.83 22.43 1.76
N ILE B 202 -5.49 21.27 1.19
CA ILE B 202 -5.59 20.99 -0.24
C ILE B 202 -6.14 19.59 -0.38
N THR B 203 -7.23 19.43 -1.14
CA THR B 203 -7.81 18.09 -1.31
C THR B 203 -7.87 17.69 -2.78
N PRO B 204 -8.01 16.37 -3.00
CA PRO B 204 -7.30 15.16 -3.44
C PRO B 204 -5.83 15.36 -3.53
N LEU B 205 -5.04 15.15 -2.47
CA LEU B 205 -3.59 15.13 -2.68
C LEU B 205 -3.10 13.74 -3.04
N LYS B 206 -3.98 12.74 -3.00
CA LYS B 206 -3.68 11.40 -3.46
C LYS B 206 -4.99 10.71 -3.82
N GLU B 207 -4.88 9.70 -4.67
CA GLU B 207 -6.00 8.83 -5.00
C GLU B 207 -6.52 8.14 -3.75
N LYS B 208 -7.83 8.10 -3.57
CA LYS B 208 -8.43 7.28 -2.52
CA LYS B 208 -8.42 7.29 -2.51
C LYS B 208 -7.89 5.86 -2.63
N GLY B 209 -7.47 5.29 -1.50
CA GLY B 209 -6.89 3.95 -1.45
C GLY B 209 -5.37 3.91 -1.47
N ASP B 210 -4.72 4.96 -1.95
CA ASP B 210 -3.26 5.04 -1.96
C ASP B 210 -2.74 5.18 -0.54
N PRO B 211 -1.94 4.24 -0.04
CA PRO B 211 -1.46 4.33 1.34
C PRO B 211 -0.14 5.08 1.50
N LEU B 212 0.41 5.64 0.43
CA LEU B 212 1.68 6.34 0.48
C LEU B 212 1.47 7.81 0.83
N GLY B 213 2.12 8.27 1.89
CA GLY B 213 2.06 9.68 2.23
C GLY B 213 2.93 9.96 3.44
N GLY B 214 3.12 11.24 3.71
CA GLY B 214 3.89 11.63 4.88
C GLY B 214 4.23 13.10 4.84
N ARG B 215 5.37 13.43 5.44
CA ARG B 215 5.76 14.82 5.66
C ARG B 215 7.14 15.11 5.10
N VAL B 216 7.29 16.32 4.56
CA VAL B 216 8.58 16.88 4.17
C VAL B 216 8.70 18.26 4.79
N TYR B 217 9.78 18.49 5.54
CA TYR B 217 10.08 19.79 6.13
C TYR B 217 11.15 20.45 5.28
N PHE B 218 10.89 21.67 4.82
CA PHE B 218 11.92 22.40 4.07
C PHE B 218 12.75 23.22 5.06
N VAL B 219 14.06 22.94 5.10
CA VAL B 219 14.91 23.53 6.12
C VAL B 219 16.20 24.07 5.50
N SER B 220 16.70 25.14 6.11
CA SER B 220 18.01 25.67 5.75
C SER B 220 19.09 24.84 6.40
N ARG B 221 20.03 24.34 5.59
CA ARG B 221 21.03 23.42 6.13
C ARG B 221 21.81 24.01 7.29
N LYS B 222 22.18 25.29 7.19
CA LYS B 222 23.00 25.92 8.23
C LYS B 222 22.30 25.98 9.60
N GLU B 223 21.02 25.62 9.68
CA GLU B 223 20.29 25.58 10.93
C GLU B 223 19.90 24.16 11.32
N LEU B 224 20.32 23.15 10.54
CA LEU B 224 19.82 21.79 10.73
C LEU B 224 19.94 21.33 12.17
N SER B 225 21.09 21.55 12.79
CA SER B 225 21.31 20.97 14.11
C SER B 225 20.33 21.54 15.13
N GLU B 226 20.18 22.86 15.16
CA GLU B 226 19.28 23.51 16.09
C GLU B 226 17.83 23.13 15.81
N ILE B 227 17.46 22.96 14.53
CA ILE B 227 16.10 22.57 14.19
C ILE B 227 15.80 21.19 14.73
N ILE B 228 16.69 20.22 14.47
CA ILE B 228 16.45 18.87 14.98
C ILE B 228 16.34 18.87 16.49
N GLU B 229 17.19 19.66 17.16
CA GLU B 229 17.16 19.73 18.62
C GLU B 229 15.80 20.25 19.08
N CYS B 230 15.29 21.29 18.43
CA CYS B 230 14.01 21.86 18.79
C CYS B 230 12.86 20.89 18.51
N LEU B 231 12.82 20.32 17.29
CA LEU B 231 11.75 19.39 16.91
C LEU B 231 11.63 18.21 17.87
N THR B 232 12.75 17.69 18.37
CA THR B 232 12.71 16.47 19.16
C THR B 232 12.79 16.69 20.67
N GLN B 233 13.13 17.90 21.13
CA GLN B 233 13.42 18.07 22.56
C GLN B 233 12.71 19.25 23.20
N LYS B 234 12.45 20.32 22.45
CA LYS B 234 11.84 21.51 23.04
C LYS B 234 10.36 21.25 23.33
N VAL B 235 9.90 21.57 24.54
CA VAL B 235 8.51 21.32 24.91
C VAL B 235 7.72 22.59 24.66
N VAL B 236 6.65 22.48 23.85
CA VAL B 236 5.89 23.64 23.37
C VAL B 236 4.39 23.38 23.60
N LEU B 237 3.74 24.29 24.31
CA LEU B 237 2.29 24.32 24.44
C LEU B 237 1.75 25.41 23.55
N ILE B 238 0.67 25.13 22.84
CA ILE B 238 0.13 26.03 21.83
C ILE B 238 -1.21 26.57 22.32
N GLU B 239 -1.33 27.89 22.32
CA GLU B 239 -2.53 28.59 22.79
C GLU B 239 -3.29 29.12 21.58
N LEU B 240 -4.60 28.92 21.57
CA LEU B 240 -5.44 29.25 20.43
C LEU B 240 -5.69 30.75 20.38
C1 PML C . -4.46 -16.57 -4.98
O11 PML C . -5.25 -17.13 -5.80
O12 PML C . -4.23 -17.09 -3.84
C2 PML C . -3.81 -15.26 -5.37
C3 PML C . -4.02 -14.23 -4.26
C4 PML C . -3.82 -12.80 -4.73
C5 PML C . -2.38 -12.36 -4.55
C6 PML C . -2.38 -10.90 -4.13
C7 PML C . -1.03 -10.47 -3.56
O71 PML C . -0.14 -10.10 -4.35
O72 PML C . -0.83 -10.49 -2.31
C1 PML D . -2.19 13.09 8.82
O11 PML D . -3.04 13.09 9.74
O12 PML D . -1.64 12.01 8.44
C2 PML D . -1.84 14.41 8.15
C3 PML D . -3.03 14.95 7.39
C4 PML D . -3.51 16.24 8.02
C5 PML D . -4.90 16.62 7.55
C6 PML D . -4.99 18.11 7.25
C7 PML D . -6.38 18.67 7.57
O71 PML D . -6.49 19.84 8.01
O72 PML D . -7.41 17.97 7.37
#